data_2J17
#
_entry.id   2J17
#
_cell.length_a   61.661
_cell.length_b   61.661
_cell.length_c   217.562
_cell.angle_alpha   90.00
_cell.angle_beta   90.00
_cell.angle_gamma   90.00
#
_symmetry.space_group_name_H-M   'P 43 21 2'
#
loop_
_entity.id
_entity.type
_entity.pdbx_description
1 polymer 'TYROSINE-PROTEIN PHOSPHATASE YIL113W'
2 non-polymer 'MAGNESIUM ION'
3 non-polymer O-PHOSPHOTYROSINE
4 water water
#
_entity_poly.entity_id   1
_entity_poly.type   'polypeptide(L)'
_entity_poly.pdbx_seq_one_letter_code
;SGQRPSLPMLATDERSTDKESPNEDREFVPCSSLDVRRIYPKGPLLVLPEKIYLYSEPTVKELLPFDVVINVAEEANDLR
MQVPAVEYHHYRWEHDSQIALDLPSLTSIIHAATTKREKILIHSQCGLSRSATLIIAYIMKYHNLSLRHSYDLLKSRADK
INPSIGLIFQLMEWEVALNAKT
;
_entity_poly.pdbx_strand_id   A,B
#
loop_
_chem_comp.id
_chem_comp.type
_chem_comp.name
_chem_comp.formula
MG non-polymer 'MAGNESIUM ION' 'Mg 2'
#
# COMPACT_ATOMS: atom_id res chain seq x y z
N CYS A 31 -10.72 -9.84 11.57
CA CYS A 31 -9.68 -9.83 10.50
C CYS A 31 -10.30 -10.04 9.11
N ARG A 38 -10.33 -20.62 6.10
CA ARG A 38 -9.36 -20.44 7.18
C ARG A 38 -8.18 -19.53 6.82
N ILE A 39 -8.05 -19.19 5.53
CA ILE A 39 -6.88 -18.43 4.95
C ILE A 39 -5.72 -19.36 4.55
N TYR A 40 -5.15 -20.06 5.53
CA TYR A 40 -4.13 -21.07 5.25
C TYR A 40 -4.68 -22.40 5.76
N PRO A 41 -5.51 -23.05 4.93
CA PRO A 41 -6.31 -24.20 5.36
C PRO A 41 -5.47 -25.46 5.47
N LYS A 42 -4.34 -25.48 4.76
CA LYS A 42 -3.44 -26.64 4.76
C LYS A 42 -2.18 -26.37 5.62
N GLY A 43 -2.28 -25.37 6.50
CA GLY A 43 -1.19 -24.98 7.39
C GLY A 43 -0.17 -24.03 6.77
N PRO A 44 1.02 -23.88 7.42
CA PRO A 44 2.16 -23.05 7.00
C PRO A 44 2.59 -23.28 5.56
N LEU A 45 2.35 -22.30 4.70
CA LEU A 45 2.66 -22.39 3.28
C LEU A 45 4.13 -22.12 2.96
N LEU A 46 4.81 -23.11 2.37
CA LEU A 46 6.17 -22.89 1.87
C LEU A 46 6.14 -21.84 0.77
N VAL A 47 6.85 -20.74 0.97
CA VAL A 47 6.86 -19.66 0.01
C VAL A 47 8.17 -19.53 -0.76
N LEU A 48 9.29 -19.92 -0.13
CA LEU A 48 10.61 -19.88 -0.77
C LEU A 48 11.33 -21.23 -0.69
N PRO A 49 12.08 -21.60 -1.76
CA PRO A 49 12.80 -22.88 -1.76
C PRO A 49 13.66 -23.15 -0.51
N GLU A 50 14.16 -22.08 0.14
CA GLU A 50 15.03 -22.21 1.31
C GLU A 50 14.28 -22.60 2.57
N LYS A 51 13.17 -23.33 2.39
CA LYS A 51 12.28 -23.72 3.50
C LYS A 51 11.81 -22.51 4.31
N ILE A 52 11.42 -21.43 3.64
CA ILE A 52 10.81 -20.31 4.34
C ILE A 52 9.29 -20.42 4.29
N TYR A 53 8.66 -20.37 5.46
CA TYR A 53 7.24 -20.61 5.57
C TYR A 53 6.48 -19.36 5.93
N LEU A 54 5.17 -19.38 5.65
CA LEU A 54 4.29 -18.24 5.93
C LEU A 54 2.96 -18.69 6.54
N TYR A 55 2.57 -18.06 7.65
CA TYR A 55 1.36 -18.46 8.37
C TYR A 55 0.70 -17.33 9.13
N SER A 56 -0.58 -17.53 9.43
CA SER A 56 -1.27 -16.80 10.48
C SER A 56 -0.78 -17.27 11.88
N GLU A 57 -1.55 -16.98 12.93
CA GLU A 57 -1.16 -17.36 14.30
C GLU A 57 -1.19 -18.88 14.52
N PRO A 58 -0.10 -19.44 15.03
CA PRO A 58 -0.03 -20.88 15.23
C PRO A 58 -0.54 -21.32 16.59
N THR A 59 -0.78 -22.62 16.70
CA THR A 59 -0.89 -23.25 17.99
C THR A 59 0.52 -23.72 18.34
N VAL A 60 0.69 -24.12 19.60
CA VAL A 60 1.96 -24.62 20.09
C VAL A 60 2.52 -25.77 19.23
N LYS A 61 1.69 -26.79 18.97
CA LYS A 61 2.12 -28.00 18.24
C LYS A 61 2.56 -27.71 16.81
N GLU A 62 1.89 -26.77 16.16
CA GLU A 62 2.22 -26.35 14.79
C GLU A 62 3.63 -25.76 14.66
N LEU A 63 4.15 -25.23 15.76
CA LEU A 63 5.50 -24.67 15.78
C LEU A 63 6.61 -25.71 15.76
N LEU A 64 6.27 -26.94 16.14
CA LEU A 64 7.29 -27.97 16.42
C LEU A 64 8.30 -28.29 15.31
N PRO A 65 7.83 -28.61 14.09
CA PRO A 65 8.80 -28.89 13.01
C PRO A 65 9.81 -27.78 12.65
N PHE A 66 9.57 -26.55 13.08
CA PHE A 66 10.47 -25.43 12.69
C PHE A 66 11.66 -25.28 13.61
N ASP A 67 12.81 -25.00 13.01
CA ASP A 67 14.02 -24.74 13.77
C ASP A 67 14.02 -23.31 14.27
N VAL A 68 13.75 -22.38 13.35
CA VAL A 68 13.62 -20.96 13.67
C VAL A 68 12.18 -20.51 13.42
N VAL A 69 11.62 -19.76 14.39
CA VAL A 69 10.28 -19.17 14.28
C VAL A 69 10.33 -17.69 14.63
N ILE A 70 9.87 -16.86 13.69
CA ILE A 70 9.84 -15.42 13.87
C ILE A 70 8.41 -14.95 13.86
N ASN A 71 8.00 -14.39 14.99
CA ASN A 71 6.64 -13.94 15.24
C ASN A 71 6.60 -12.41 15.19
N VAL A 72 6.06 -11.88 14.10
CA VAL A 72 6.07 -10.43 13.90
C VAL A 72 4.72 -9.77 14.11
N ALA A 73 3.97 -10.26 15.10
CA ALA A 73 2.66 -9.69 15.41
C ALA A 73 2.50 -9.47 16.93
N GLU A 74 2.38 -8.20 17.33
CA GLU A 74 2.23 -7.82 18.75
C GLU A 74 1.16 -8.65 19.46
N GLU A 75 -0.04 -8.67 18.91
CA GLU A 75 -1.17 -9.33 19.55
C GLU A 75 -1.10 -10.87 19.54
N ALA A 76 -0.17 -11.43 18.76
CA ALA A 76 -0.07 -12.88 18.61
C ALA A 76 0.72 -13.50 19.77
N ASN A 77 0.07 -14.39 20.52
CA ASN A 77 0.64 -14.99 21.71
C ASN A 77 2.11 -15.35 21.61
N ASP A 78 2.89 -14.95 22.61
CA ASP A 78 4.29 -15.34 22.70
C ASP A 78 4.41 -16.77 23.22
N LEU A 79 4.81 -17.68 22.33
CA LEU A 79 4.84 -19.11 22.65
C LEU A 79 6.24 -19.64 22.98
N ARG A 80 7.15 -18.72 23.29
CA ARG A 80 8.56 -19.01 23.57
C ARG A 80 8.79 -20.17 24.55
N MET A 81 8.28 -20.03 25.78
CA MET A 81 8.56 -20.97 26.87
C MET A 81 7.99 -22.35 26.57
N GLN A 82 6.95 -22.37 25.76
CA GLN A 82 6.20 -23.59 25.38
C GLN A 82 6.94 -24.50 24.41
N VAL A 83 7.98 -24.00 23.74
CA VAL A 83 8.71 -24.80 22.77
C VAL A 83 10.24 -24.59 22.84
N PRO A 84 10.93 -25.35 23.72
CA PRO A 84 12.35 -25.15 24.01
C PRO A 84 13.30 -25.60 22.90
N ALA A 85 12.81 -26.38 21.94
CA ALA A 85 13.64 -26.90 20.84
C ALA A 85 13.61 -25.97 19.62
N VAL A 86 13.08 -24.75 19.84
CA VAL A 86 12.85 -23.76 18.79
C VAL A 86 13.52 -22.44 19.14
N GLU A 87 14.26 -21.90 18.17
CA GLU A 87 14.83 -20.56 18.31
C GLU A 87 13.72 -19.58 17.99
N TYR A 88 13.05 -19.11 19.03
CA TYR A 88 11.86 -18.27 18.93
C TYR A 88 12.20 -16.79 19.01
N HIS A 89 11.76 -16.06 17.99
CA HIS A 89 11.87 -14.61 17.98
C HIS A 89 10.49 -13.99 17.94
N HIS A 90 10.27 -13.00 18.78
CA HIS A 90 9.03 -12.25 18.77
C HIS A 90 9.35 -10.77 18.62
N TYR A 91 8.80 -10.14 17.58
CA TYR A 91 8.95 -8.72 17.35
C TYR A 91 7.55 -8.14 17.29
N ARG A 92 7.20 -7.32 18.26
CA ARG A 92 5.81 -6.96 18.50
C ARG A 92 5.29 -5.88 17.57
N TRP A 93 5.33 -6.15 16.27
CA TRP A 93 4.87 -5.21 15.25
C TRP A 93 3.36 -4.94 15.29
N GLU A 94 3.03 -3.64 15.25
CA GLU A 94 1.67 -3.18 14.97
C GLU A 94 1.71 -2.51 13.60
N HIS A 95 0.55 -2.32 12.99
CA HIS A 95 0.46 -1.85 11.60
C HIS A 95 1.03 -0.46 11.33
N ASP A 96 1.43 0.23 12.38
CA ASP A 96 2.03 1.56 12.29
C ASP A 96 3.45 1.63 12.90
N SER A 97 4.13 0.49 12.96
CA SER A 97 5.48 0.42 13.52
C SER A 97 6.52 0.85 12.49
N GLN A 98 7.64 1.38 12.97
CA GLN A 98 8.78 1.67 12.12
C GLN A 98 9.58 0.39 11.91
N ILE A 99 9.07 -0.49 11.05
CA ILE A 99 9.65 -1.84 10.90
C ILE A 99 10.99 -1.82 10.17
N ALA A 100 11.24 -0.78 9.38
CA ALA A 100 12.46 -0.70 8.59
C ALA A 100 13.71 -0.79 9.46
N LEU A 101 13.59 -0.27 10.68
CA LEU A 101 14.64 -0.36 11.70
C LEU A 101 15.02 -1.82 12.03
N ASP A 102 14.01 -2.64 12.30
CA ASP A 102 14.16 -4.06 12.67
C ASP A 102 14.67 -4.98 11.57
N LEU A 103 14.74 -4.47 10.34
CA LEU A 103 14.96 -5.34 9.18
C LEU A 103 16.37 -5.91 9.01
N PRO A 104 17.43 -5.12 9.28
CA PRO A 104 18.76 -5.74 9.33
C PRO A 104 18.83 -6.94 10.28
N SER A 105 18.36 -6.79 11.51
CA SER A 105 18.44 -7.89 12.46
C SER A 105 17.61 -9.09 11.99
N LEU A 106 16.36 -8.84 11.63
CA LEU A 106 15.41 -9.87 11.23
C LEU A 106 15.82 -10.64 9.98
N THR A 107 16.23 -9.95 8.93
CA THR A 107 16.71 -10.62 7.72
C THR A 107 18.03 -11.37 7.95
N SER A 108 18.82 -10.94 8.93
CA SER A 108 20.04 -11.66 9.32
C SER A 108 19.72 -12.98 10.01
N ILE A 109 18.71 -12.95 10.89
CA ILE A 109 18.23 -14.17 11.55
C ILE A 109 17.85 -15.16 10.46
N ILE A 110 17.15 -14.68 9.43
CA ILE A 110 16.71 -15.54 8.35
C ILE A 110 17.87 -16.04 7.51
N HIS A 111 18.78 -15.15 7.11
CA HIS A 111 19.88 -15.58 6.27
C HIS A 111 20.74 -16.60 6.98
N ALA A 112 20.97 -16.37 8.27
CA ALA A 112 21.77 -17.29 9.09
C ALA A 112 21.14 -18.68 9.22
N ALA A 113 19.82 -18.74 9.17
CA ALA A 113 19.13 -20.02 9.23
C ALA A 113 19.22 -20.78 7.90
N THR A 114 19.28 -20.04 6.79
CA THR A 114 19.25 -20.66 5.46
C THR A 114 20.59 -21.30 5.10
N THR A 115 21.67 -20.72 5.59
CA THR A 115 23.01 -21.29 5.40
C THR A 115 23.14 -22.61 6.19
N LYS A 116 22.46 -22.70 7.33
CA LYS A 116 22.42 -23.94 8.11
C LYS A 116 21.30 -24.86 7.64
N ARG A 117 20.70 -24.54 6.50
CA ARG A 117 19.57 -25.29 5.92
C ARG A 117 18.45 -25.67 6.92
N GLU A 118 18.15 -24.77 7.85
CA GLU A 118 17.08 -24.97 8.85
C GLU A 118 15.70 -24.62 8.32
N LYS A 119 14.66 -25.22 8.91
CA LYS A 119 13.27 -24.96 8.54
C LYS A 119 12.76 -23.72 9.29
N ILE A 120 12.28 -22.73 8.54
CA ILE A 120 11.99 -21.38 9.08
C ILE A 120 10.52 -20.97 8.91
N LEU A 121 9.89 -20.53 9.99
CA LEU A 121 8.51 -20.04 9.91
C LEU A 121 8.41 -18.58 10.28
N ILE A 122 7.76 -17.83 9.40
CA ILE A 122 7.53 -16.42 9.63
C ILE A 122 6.03 -16.22 9.64
N HIS A 123 5.51 -15.87 10.81
CA HIS A 123 4.07 -15.75 11.00
C HIS A 123 3.67 -14.45 11.69
N SER A 124 2.45 -14.03 11.42
CA SER A 124 1.84 -12.90 12.09
C SER A 124 0.51 -13.36 12.72
N GLN A 125 -0.50 -12.50 12.70
CA GLN A 125 -1.83 -12.86 13.18
C GLN A 125 -2.67 -13.49 12.05
N CYS A 126 -2.65 -12.86 10.88
CA CYS A 126 -3.46 -13.33 9.75
C CYS A 126 -2.59 -13.77 8.58
N GLY A 127 -1.28 -13.55 8.71
CA GLY A 127 -0.34 -13.95 7.67
C GLY A 127 -0.55 -13.22 6.35
N LEU A 128 -0.98 -11.97 6.43
CA LEU A 128 -1.27 -11.17 5.26
C LEU A 128 -0.30 -10.00 5.15
N SER A 129 -0.18 -9.24 6.24
CA SER A 129 0.47 -7.92 6.20
C SER A 129 1.88 -7.91 6.82
N ARG A 130 1.97 -8.05 8.13
CA ARG A 130 3.26 -7.95 8.82
C ARG A 130 4.26 -9.05 8.45
N SER A 131 3.81 -10.31 8.46
CA SER A 131 4.70 -11.41 8.11
C SER A 131 5.13 -11.41 6.66
N ALA A 132 4.21 -11.08 5.77
CA ALA A 132 4.54 -10.98 4.34
C ALA A 132 5.59 -9.89 4.11
N THR A 133 5.42 -8.76 4.79
CA THR A 133 6.37 -7.65 4.74
C THR A 133 7.77 -8.13 5.04
N LEU A 134 7.92 -8.85 6.17
CA LEU A 134 9.22 -9.35 6.58
C LEU A 134 9.83 -10.26 5.50
N ILE A 135 9.03 -11.13 4.91
CA ILE A 135 9.53 -11.98 3.86
C ILE A 135 9.98 -11.13 2.66
N ILE A 136 9.10 -10.28 2.16
CA ILE A 136 9.43 -9.39 1.03
C ILE A 136 10.77 -8.71 1.29
N ALA A 137 10.94 -8.21 2.52
CA ALA A 137 12.19 -7.58 2.99
C ALA A 137 13.38 -8.49 2.85
N TYR A 138 13.24 -9.74 3.28
CA TYR A 138 14.26 -10.78 3.05
C TYR A 138 14.61 -10.85 1.57
N ILE A 139 13.57 -11.00 0.75
CA ILE A 139 13.72 -11.20 -0.69
C ILE A 139 14.48 -10.04 -1.30
N MET A 140 14.24 -8.83 -0.78
CA MET A 140 14.94 -7.67 -1.30
C MET A 140 16.45 -7.78 -1.13
N LYS A 141 16.88 -8.07 0.11
CA LYS A 141 18.32 -8.20 0.38
C LYS A 141 18.94 -9.44 -0.27
N TYR A 142 18.50 -10.63 0.16
CA TYR A 142 19.20 -11.85 -0.17
C TYR A 142 18.75 -12.51 -1.48
N HIS A 143 17.77 -11.91 -2.15
CA HIS A 143 17.47 -12.30 -3.54
C HIS A 143 17.85 -11.19 -4.52
N ASN A 144 18.29 -10.06 -3.96
CA ASN A 144 18.74 -8.92 -4.75
C ASN A 144 17.68 -8.50 -5.78
N LEU A 145 16.47 -8.23 -5.29
CA LEU A 145 15.35 -7.75 -6.12
C LEU A 145 14.75 -6.46 -5.56
N SER A 146 14.05 -5.73 -6.42
CA SER A 146 13.37 -4.49 -6.07
C SER A 146 12.16 -4.77 -5.20
N LEU A 147 11.64 -3.72 -4.55
CA LEU A 147 10.38 -3.84 -3.83
C LEU A 147 9.35 -4.50 -4.74
N ARG A 148 9.12 -3.90 -5.90
CA ARG A 148 8.08 -4.37 -6.81
C ARG A 148 8.22 -5.86 -7.14
N HIS A 149 9.43 -6.27 -7.56
CA HIS A 149 9.66 -7.65 -7.99
C HIS A 149 9.55 -8.64 -6.83
N SER A 150 10.01 -8.21 -5.66
CA SER A 150 9.90 -8.99 -4.42
C SER A 150 8.45 -9.25 -4.05
N TYR A 151 7.65 -8.19 -4.01
CA TYR A 151 6.22 -8.31 -3.83
C TYR A 151 5.61 -9.28 -4.84
N ASP A 152 5.96 -9.08 -6.12
CA ASP A 152 5.44 -9.92 -7.18
C ASP A 152 5.73 -11.40 -6.94
N LEU A 153 6.92 -11.68 -6.41
CA LEU A 153 7.35 -13.06 -6.15
C LEU A 153 6.52 -13.72 -5.06
N LEU A 154 6.30 -13.00 -3.97
CA LEU A 154 5.53 -13.52 -2.85
C LEU A 154 4.03 -13.63 -3.19
N LYS A 155 3.48 -12.62 -3.87
CA LYS A 155 2.09 -12.69 -4.33
C LYS A 155 1.87 -13.88 -5.29
N SER A 156 2.92 -14.25 -6.02
CA SER A 156 2.85 -15.36 -6.95
C SER A 156 2.71 -16.70 -6.20
N ARG A 157 3.20 -16.77 -4.97
CA ARG A 157 3.15 -18.01 -4.19
C ARG A 157 2.21 -17.93 -2.99
N ALA A 158 1.93 -16.71 -2.54
CA ALA A 158 0.95 -16.42 -1.51
C ALA A 158 -0.04 -15.41 -2.07
N ASP A 159 -1.06 -15.92 -2.76
CA ASP A 159 -2.00 -15.08 -3.52
C ASP A 159 -2.72 -14.04 -2.65
N LYS A 160 -2.92 -14.34 -1.37
CA LYS A 160 -3.76 -13.51 -0.50
C LYS A 160 -3.04 -12.35 0.22
N ILE A 161 -1.75 -12.17 -0.02
CA ILE A 161 -0.99 -11.15 0.73
C ILE A 161 -1.43 -9.72 0.39
N ASN A 162 -1.59 -8.92 1.43
CA ASN A 162 -2.07 -7.55 1.32
C ASN A 162 -1.36 -6.60 2.31
N PRO A 163 -0.08 -6.32 2.06
CA PRO A 163 0.71 -5.44 2.93
C PRO A 163 0.09 -4.05 3.09
N SER A 164 0.03 -3.56 4.33
CA SER A 164 -0.49 -2.23 4.63
C SER A 164 0.39 -1.19 4.00
N ILE A 165 -0.20 -0.03 3.72
CA ILE A 165 0.52 1.11 3.13
C ILE A 165 1.67 1.53 4.03
N GLY A 166 1.39 1.68 5.33
CA GLY A 166 2.40 2.06 6.30
C GLY A 166 3.62 1.16 6.19
N LEU A 167 3.37 -0.14 6.04
CA LEU A 167 4.41 -1.14 5.93
C LEU A 167 5.08 -1.06 4.57
N ILE A 168 4.30 -0.80 3.52
CA ILE A 168 4.86 -0.56 2.20
C ILE A 168 5.88 0.60 2.23
N PHE A 169 5.59 1.64 3.02
CA PHE A 169 6.48 2.80 3.11
C PHE A 169 7.77 2.45 3.84
N GLN A 170 7.63 1.64 4.89
CA GLN A 170 8.76 1.09 5.63
C GLN A 170 9.61 0.22 4.72
N LEU A 171 8.98 -0.49 3.78
CA LEU A 171 9.70 -1.26 2.78
C LEU A 171 10.39 -0.36 1.77
N MET A 172 9.77 0.78 1.46
CA MET A 172 10.38 1.76 0.56
C MET A 172 11.69 2.29 1.14
N GLU A 173 11.68 2.56 2.45
CA GLU A 173 12.89 2.88 3.19
C GLU A 173 13.98 1.79 3.08
N TRP A 174 13.57 0.54 3.31
CA TRP A 174 14.45 -0.64 3.14
C TRP A 174 15.08 -0.68 1.74
N GLU A 175 14.29 -0.40 0.71
CA GLU A 175 14.78 -0.36 -0.66
C GLU A 175 15.85 0.71 -0.86
N VAL A 176 15.72 1.83 -0.16
CA VAL A 176 16.67 2.93 -0.24
C VAL A 176 18.03 2.56 0.36
N ALA A 177 18.01 2.10 1.61
CA ALA A 177 19.22 1.66 2.33
C ALA A 177 20.00 0.61 1.53
N LEU A 178 19.31 -0.47 1.14
CA LEU A 178 19.92 -1.51 0.32
C LEU A 178 20.53 -0.97 -0.99
N ASN A 179 20.02 0.16 -1.47
CA ASN A 179 20.56 0.80 -2.67
C ASN A 179 21.65 1.83 -2.36
N ALA A 180 21.73 2.26 -1.11
CA ALA A 180 22.81 3.14 -0.65
C ALA A 180 24.15 2.39 -0.57
N LYS A 181 24.20 1.15 -0.57
N CYS B 31 -14.82 -1.75 -0.28
CA CYS B 31 -15.92 -1.01 -0.98
C CYS B 31 -16.57 -1.86 -2.08
N ARG B 37 -24.46 2.85 5.24
CA ARG B 37 -23.68 3.23 4.07
C ARG B 37 -22.67 4.35 4.41
N ARG B 38 -22.85 5.52 3.78
CA ARG B 38 -22.11 6.77 4.08
C ARG B 38 -20.59 6.64 4.19
N ILE B 39 -19.94 6.48 3.04
CA ILE B 39 -18.48 6.44 2.97
C ILE B 39 -17.83 7.85 3.11
N TYR B 40 -18.39 8.84 2.40
CA TYR B 40 -18.09 10.26 2.66
C TYR B 40 -19.35 10.92 3.19
N PRO B 41 -19.56 10.84 4.51
CA PRO B 41 -20.85 11.17 5.12
C PRO B 41 -21.27 12.63 4.91
N LYS B 42 -20.28 13.53 4.87
CA LYS B 42 -20.51 14.97 4.70
C LYS B 42 -20.34 15.44 3.25
N GLY B 43 -20.52 14.52 2.29
CA GLY B 43 -20.32 14.83 0.88
C GLY B 43 -18.85 15.06 0.53
N PRO B 44 -18.60 15.65 -0.65
CA PRO B 44 -17.22 15.88 -1.11
C PRO B 44 -16.40 16.65 -0.08
N LEU B 45 -15.17 16.20 0.13
CA LEU B 45 -14.34 16.72 1.20
C LEU B 45 -13.21 17.57 0.65
N LEU B 46 -13.10 18.81 1.16
CA LEU B 46 -12.00 19.70 0.83
C LEU B 46 -10.71 19.15 1.42
N VAL B 47 -9.75 18.83 0.57
CA VAL B 47 -8.53 18.17 1.02
C VAL B 47 -7.27 19.04 0.87
N LEU B 48 -7.37 20.08 0.06
CA LEU B 48 -6.29 21.09 -0.02
C LEU B 48 -6.88 22.52 0.05
N PRO B 49 -6.06 23.52 0.45
CA PRO B 49 -6.58 24.89 0.40
C PRO B 49 -6.91 25.37 -1.01
N GLU B 50 -6.29 24.80 -2.04
CA GLU B 50 -6.59 25.20 -3.44
C GLU B 50 -7.91 24.63 -3.98
N LYS B 51 -8.95 24.62 -3.15
CA LYS B 51 -10.29 24.25 -3.60
C LYS B 51 -10.35 22.86 -4.24
N ILE B 52 -9.47 21.96 -3.81
CA ILE B 52 -9.45 20.61 -4.36
C ILE B 52 -10.19 19.66 -3.42
N TYR B 53 -11.23 19.03 -3.95
CA TYR B 53 -12.10 18.16 -3.18
C TYR B 53 -11.93 16.72 -3.64
N LEU B 54 -12.29 15.78 -2.76
CA LEU B 54 -12.18 14.35 -3.04
C LEU B 54 -13.49 13.65 -2.67
N TYR B 55 -13.89 12.65 -3.46
CA TYR B 55 -15.19 12.03 -3.30
C TYR B 55 -15.33 10.66 -3.94
N SER B 56 -16.33 9.91 -3.46
CA SER B 56 -16.80 8.70 -4.09
C SER B 56 -17.58 9.13 -5.34
N GLU B 57 -18.39 8.24 -5.89
CA GLU B 57 -19.18 8.57 -7.08
C GLU B 57 -20.28 9.57 -6.73
N PRO B 58 -20.36 10.68 -7.48
CA PRO B 58 -21.39 11.72 -7.28
C PRO B 58 -22.62 11.61 -8.20
N THR B 59 -23.73 12.21 -7.75
CA THR B 59 -24.88 12.41 -8.60
C THR B 59 -24.70 13.70 -9.39
N VAL B 60 -25.46 13.81 -10.49
CA VAL B 60 -25.49 15.01 -11.34
C VAL B 60 -25.55 16.30 -10.52
N LYS B 61 -26.50 16.38 -9.56
CA LYS B 61 -26.68 17.58 -8.74
C LYS B 61 -25.45 17.93 -7.90
N GLU B 62 -24.76 16.92 -7.38
CA GLU B 62 -23.56 17.14 -6.59
C GLU B 62 -22.46 17.87 -7.38
N LEU B 63 -22.49 17.69 -8.70
CA LEU B 63 -21.53 18.30 -9.62
C LEU B 63 -21.72 19.79 -9.88
N LEU B 64 -22.89 20.32 -9.56
CA LEU B 64 -23.21 21.71 -9.93
C LEU B 64 -22.25 22.79 -9.42
N PRO B 65 -21.86 22.75 -8.11
CA PRO B 65 -21.00 23.81 -7.57
C PRO B 65 -19.57 23.87 -8.09
N PHE B 66 -19.15 22.86 -8.86
CA PHE B 66 -17.74 22.77 -9.34
C PHE B 66 -17.53 23.39 -10.70
N ASP B 67 -16.31 23.83 -10.97
CA ASP B 67 -15.96 24.25 -12.32
C ASP B 67 -15.34 23.06 -13.04
N VAL B 68 -14.39 22.41 -12.39
CA VAL B 68 -13.71 21.26 -12.94
C VAL B 68 -14.09 20.00 -12.16
N VAL B 69 -14.36 18.93 -12.90
CA VAL B 69 -14.62 17.61 -12.32
C VAL B 69 -13.76 16.59 -13.05
N ILE B 70 -12.99 15.81 -12.30
CA ILE B 70 -12.15 14.75 -12.87
C ILE B 70 -12.58 13.39 -12.32
N ASN B 71 -13.07 12.57 -13.24
CA ASN B 71 -13.59 11.24 -12.98
C ASN B 71 -12.52 10.20 -13.33
N VAL B 72 -11.93 9.58 -12.31
CA VAL B 72 -10.80 8.65 -12.54
C VAL B 72 -11.15 7.18 -12.30
N ALA B 73 -12.43 6.83 -12.45
CA ALA B 73 -12.88 5.45 -12.24
C ALA B 73 -13.67 5.02 -13.46
N GLU B 74 -13.18 3.98 -14.13
CA GLU B 74 -13.80 3.49 -15.36
C GLU B 74 -15.27 3.09 -15.13
N GLU B 75 -15.59 2.56 -13.96
CA GLU B 75 -16.98 2.14 -13.67
C GLU B 75 -17.92 3.28 -13.21
N ALA B 76 -17.36 4.41 -12.77
CA ALA B 76 -18.15 5.57 -12.37
C ALA B 76 -18.83 6.22 -13.57
N ASN B 77 -20.16 6.36 -13.47
CA ASN B 77 -20.97 6.97 -14.52
C ASN B 77 -20.36 8.26 -15.10
N ASP B 78 -20.47 8.40 -16.42
CA ASP B 78 -19.95 9.57 -17.14
C ASP B 78 -21.06 10.59 -17.26
N LEU B 79 -20.89 11.72 -16.58
CA LEU B 79 -21.94 12.70 -16.47
C LEU B 79 -21.75 13.94 -17.34
N ARG B 80 -20.92 13.82 -18.37
CA ARG B 80 -20.61 14.95 -19.28
C ARG B 80 -21.83 15.46 -20.04
N MET B 81 -22.82 14.57 -20.17
CA MET B 81 -24.04 14.82 -20.92
C MET B 81 -24.98 15.71 -20.17
N GLN B 82 -25.01 15.53 -18.85
CA GLN B 82 -25.93 16.25 -17.97
C GLN B 82 -25.28 17.53 -17.39
N VAL B 83 -23.96 17.65 -17.48
CA VAL B 83 -23.26 18.87 -17.03
C VAL B 83 -22.29 19.41 -18.10
N PRO B 84 -22.84 20.02 -19.17
CA PRO B 84 -21.96 20.58 -20.19
C PRO B 84 -21.15 21.75 -19.64
N ALA B 85 -21.72 22.48 -18.69
CA ALA B 85 -21.13 23.69 -18.09
C ALA B 85 -19.94 23.42 -17.18
N VAL B 86 -19.60 22.15 -17.06
CA VAL B 86 -18.43 21.76 -16.27
C VAL B 86 -17.31 21.35 -17.23
N GLU B 87 -16.08 21.63 -16.82
CA GLU B 87 -14.90 21.11 -17.50
C GLU B 87 -14.68 19.66 -17.09
N TYR B 88 -15.43 18.75 -17.72
CA TYR B 88 -15.40 17.33 -17.36
C TYR B 88 -14.20 16.60 -17.97
N HIS B 89 -13.63 15.68 -17.19
CA HIS B 89 -12.53 14.83 -17.64
C HIS B 89 -12.78 13.43 -17.13
N HIS B 90 -12.76 12.46 -18.02
CA HIS B 90 -13.01 11.09 -17.59
C HIS B 90 -11.95 10.11 -18.06
N TYR B 91 -11.03 9.80 -17.15
CA TYR B 91 -9.98 8.83 -17.42
C TYR B 91 -10.42 7.47 -16.91
N ARG B 92 -10.59 6.54 -17.83
CA ARG B 92 -11.20 5.25 -17.50
C ARG B 92 -10.22 4.30 -16.78
N TRP B 93 -9.78 4.69 -15.58
CA TRP B 93 -8.81 3.90 -14.81
C TRP B 93 -9.42 2.65 -14.20
N GLU B 94 -8.89 1.49 -14.63
CA GLU B 94 -9.15 0.20 -14.00
C GLU B 94 -8.13 0.11 -12.83
N HIS B 95 -8.36 -0.80 -11.88
CA HIS B 95 -7.49 -0.89 -10.71
C HIS B 95 -6.03 -1.26 -10.98
N ASP B 96 -5.80 -1.83 -12.16
CA ASP B 96 -4.50 -2.39 -12.56
C ASP B 96 -3.81 -1.52 -13.63
N SER B 97 -4.09 -0.22 -13.63
CA SER B 97 -3.74 0.66 -14.76
C SER B 97 -2.35 1.28 -14.74
N GLN B 98 -1.84 1.56 -15.94
CA GLN B 98 -0.57 2.27 -16.13
C GLN B 98 -0.72 3.80 -15.96
N ILE B 99 -1.26 4.21 -14.80
CA ILE B 99 -1.67 5.60 -14.56
C ILE B 99 -0.56 6.65 -14.70
N ALA B 100 0.70 6.22 -14.56
CA ALA B 100 1.84 7.12 -14.64
C ALA B 100 1.98 7.81 -16.00
N LEU B 101 1.48 7.16 -17.06
CA LEU B 101 1.42 7.78 -18.38
C LEU B 101 0.45 8.97 -18.41
N ASP B 102 -0.65 8.84 -17.65
CA ASP B 102 -1.71 9.85 -17.62
C ASP B 102 -1.41 11.02 -16.70
N LEU B 103 -0.47 10.84 -15.79
CA LEU B 103 -0.25 11.80 -14.70
C LEU B 103 0.26 13.18 -15.13
N PRO B 104 1.22 13.23 -16.08
CA PRO B 104 1.73 14.56 -16.41
C PRO B 104 0.63 15.49 -16.94
N SER B 105 -0.18 15.00 -17.87
CA SER B 105 -1.27 15.80 -18.40
C SER B 105 -2.33 16.14 -17.33
N LEU B 106 -2.75 15.13 -16.56
CA LEU B 106 -3.73 15.29 -15.47
C LEU B 106 -3.36 16.27 -14.36
N THR B 107 -2.11 16.23 -13.90
CA THR B 107 -1.67 17.16 -12.88
C THR B 107 -1.67 18.61 -13.38
N SER B 108 -1.25 18.83 -14.63
CA SER B 108 -1.22 20.21 -15.13
C SER B 108 -2.62 20.72 -15.45
N ILE B 109 -3.55 19.80 -15.72
CA ILE B 109 -4.98 20.13 -15.81
C ILE B 109 -5.48 20.67 -14.46
N ILE B 110 -5.08 20.01 -13.38
CA ILE B 110 -5.45 20.46 -12.04
C ILE B 110 -4.79 21.80 -11.73
N HIS B 111 -3.48 21.88 -11.96
CA HIS B 111 -2.78 23.14 -11.77
C HIS B 111 -3.45 24.28 -12.52
N ALA B 112 -3.74 24.08 -13.81
CA ALA B 112 -4.43 25.08 -14.61
C ALA B 112 -5.63 25.68 -13.88
N ALA B 113 -6.39 24.82 -13.19
CA ALA B 113 -7.64 25.24 -12.56
C ALA B 113 -7.42 25.92 -11.22
N THR B 114 -6.28 25.64 -10.57
CA THR B 114 -5.90 26.31 -9.33
C THR B 114 -5.43 27.73 -9.61
N THR B 115 -4.80 27.93 -10.76
CA THR B 115 -4.32 29.26 -11.17
C THR B 115 -5.48 30.18 -11.48
N LYS B 116 -6.59 29.59 -11.93
CA LYS B 116 -7.83 30.35 -12.11
C LYS B 116 -8.76 30.31 -10.86
N ARG B 117 -8.24 29.87 -9.71
CA ARG B 117 -9.03 29.79 -8.46
C ARG B 117 -10.37 29.00 -8.60
N GLU B 118 -10.42 28.06 -9.53
CA GLU B 118 -11.61 27.23 -9.78
C GLU B 118 -11.78 26.12 -8.73
N LYS B 119 -13.04 25.65 -8.56
CA LYS B 119 -13.38 24.55 -7.67
C LYS B 119 -13.23 23.22 -8.39
N ILE B 120 -12.35 22.37 -7.86
CA ILE B 120 -11.93 21.13 -8.51
C ILE B 120 -12.39 19.88 -7.76
N LEU B 121 -13.02 18.96 -8.48
CA LEU B 121 -13.43 17.70 -7.86
C LEU B 121 -12.74 16.51 -8.52
N ILE B 122 -11.89 15.80 -7.77
CA ILE B 122 -11.34 14.53 -8.21
C ILE B 122 -12.09 13.42 -7.47
N HIS B 123 -12.92 12.67 -8.20
CA HIS B 123 -13.69 11.58 -7.60
C HIS B 123 -13.36 10.26 -8.29
N SER B 124 -13.50 9.16 -7.57
CA SER B 124 -13.43 7.85 -8.19
C SER B 124 -14.78 7.19 -7.95
N GLN B 125 -14.79 5.87 -7.81
CA GLN B 125 -16.04 5.17 -7.50
C GLN B 125 -16.33 5.26 -6.00
N CYS B 126 -15.29 5.06 -5.18
CA CYS B 126 -15.46 4.98 -3.73
C CYS B 126 -14.71 6.06 -3.01
N GLY B 127 -13.90 6.81 -3.76
CA GLY B 127 -13.15 7.94 -3.21
C GLY B 127 -12.06 7.48 -2.29
N LEU B 128 -11.48 6.33 -2.60
CA LEU B 128 -10.53 5.67 -1.72
C LEU B 128 -9.15 5.49 -2.33
N SER B 129 -9.12 5.05 -3.58
CA SER B 129 -7.88 4.59 -4.19
C SER B 129 -7.47 5.34 -5.47
N ARG B 130 -8.21 5.15 -6.57
CA ARG B 130 -7.88 5.81 -7.85
C ARG B 130 -7.86 7.35 -7.78
N SER B 131 -8.76 7.91 -6.98
CA SER B 131 -8.83 9.34 -6.81
C SER B 131 -7.76 9.86 -5.85
N ALA B 132 -7.58 9.18 -4.72
CA ALA B 132 -6.50 9.53 -3.79
C ALA B 132 -5.15 9.61 -4.50
N THR B 133 -4.90 8.64 -5.38
CA THR B 133 -3.64 8.53 -6.11
C THR B 133 -3.37 9.80 -6.91
N LEU B 134 -4.35 10.25 -7.68
CA LEU B 134 -4.19 11.45 -8.50
C LEU B 134 -3.88 12.66 -7.62
N ILE B 135 -4.60 12.77 -6.50
CA ILE B 135 -4.39 13.89 -5.59
C ILE B 135 -2.98 13.83 -5.03
N ILE B 136 -2.57 12.65 -4.54
CA ILE B 136 -1.19 12.44 -4.10
C ILE B 136 -0.20 12.89 -5.16
N ALA B 137 -0.38 12.42 -6.39
CA ALA B 137 0.49 12.74 -7.53
C ALA B 137 0.51 14.24 -7.84
N TYR B 138 -0.61 14.91 -7.68
CA TYR B 138 -0.65 16.37 -7.80
C TYR B 138 0.25 17.03 -6.74
N ILE B 139 0.04 16.68 -5.47
CA ILE B 139 0.79 17.23 -4.34
C ILE B 139 2.30 17.07 -4.54
N MET B 140 2.70 15.88 -4.99
CA MET B 140 4.09 15.56 -5.23
C MET B 140 4.81 16.59 -6.13
N LYS B 141 4.17 17.02 -7.21
CA LYS B 141 4.81 17.95 -8.16
C LYS B 141 4.71 19.40 -7.72
N TYR B 142 3.48 19.84 -7.45
CA TYR B 142 3.17 21.27 -7.24
C TYR B 142 3.23 21.71 -5.76
N HIS B 143 3.39 20.76 -4.85
CA HIS B 143 3.74 21.09 -3.46
C HIS B 143 5.21 20.75 -3.25
N ASN B 144 5.81 20.13 -4.27
CA ASN B 144 7.22 19.72 -4.24
C ASN B 144 7.57 18.87 -2.99
N LEU B 145 6.71 17.91 -2.67
CA LEU B 145 6.92 17.00 -1.55
C LEU B 145 7.32 15.62 -2.06
N SER B 146 7.43 14.66 -1.15
CA SER B 146 7.79 13.29 -1.51
C SER B 146 6.56 12.40 -1.39
N LEU B 147 6.62 11.20 -1.96
CA LEU B 147 5.51 10.25 -1.88
C LEU B 147 5.02 10.00 -0.45
N ARG B 148 5.94 9.89 0.51
CA ARG B 148 5.55 9.69 1.91
C ARG B 148 4.89 10.95 2.47
N HIS B 149 5.50 12.11 2.26
CA HIS B 149 4.95 13.35 2.80
C HIS B 149 3.60 13.67 2.17
N SER B 150 3.50 13.48 0.85
CA SER B 150 2.25 13.70 0.14
C SER B 150 1.15 12.78 0.64
N TYR B 151 1.44 11.48 0.75
CA TYR B 151 0.47 10.53 1.30
C TYR B 151 0.01 10.99 2.67
N ASP B 152 0.97 11.43 3.47
CA ASP B 152 0.71 11.82 4.85
C ASP B 152 -0.14 13.07 4.92
N LEU B 153 0.17 14.05 4.06
CA LEU B 153 -0.61 15.27 3.98
C LEU B 153 -2.07 14.98 3.64
N LEU B 154 -2.32 14.10 2.67
CA LEU B 154 -3.69 13.75 2.28
C LEU B 154 -4.43 13.02 3.41
N LYS B 155 -3.76 12.01 3.98
CA LYS B 155 -4.28 11.17 5.06
C LYS B 155 -4.79 12.01 6.23
N SER B 156 -4.05 13.07 6.54
CA SER B 156 -4.37 13.95 7.65
C SER B 156 -5.72 14.63 7.48
N ARG B 157 -6.25 14.66 6.26
CA ARG B 157 -7.59 15.17 5.99
C ARG B 157 -8.60 14.09 5.55
N ALA B 158 -8.16 13.19 4.66
CA ALA B 158 -8.99 12.05 4.27
C ALA B 158 -8.47 10.75 4.89
N ASP B 159 -9.07 10.37 6.02
CA ASP B 159 -8.53 9.30 6.87
C ASP B 159 -8.84 7.89 6.36
N LYS B 160 -9.87 7.79 5.51
CA LYS B 160 -10.31 6.50 5.00
C LYS B 160 -9.59 6.09 3.72
N ILE B 161 -8.68 6.93 3.21
CA ILE B 161 -8.06 6.62 1.91
C ILE B 161 -7.16 5.41 2.05
N ASN B 162 -7.09 4.64 0.98
CA ASN B 162 -6.33 3.40 0.99
C ASN B 162 -5.93 3.01 -0.43
N PRO B 163 -4.94 3.71 -1.00
CA PRO B 163 -4.49 3.40 -2.35
C PRO B 163 -3.99 1.96 -2.44
N SER B 164 -4.40 1.25 -3.48
CA SER B 164 -3.96 -0.11 -3.68
C SER B 164 -2.46 -0.11 -4.01
N ILE B 165 -1.83 -1.28 -3.88
CA ILE B 165 -0.38 -1.44 -4.02
C ILE B 165 0.14 -1.17 -5.44
N GLY B 166 -0.58 -1.68 -6.45
CA GLY B 166 -0.22 -1.47 -7.85
C GLY B 166 -0.08 0.01 -8.17
N LEU B 167 -1.02 0.78 -7.65
CA LEU B 167 -1.04 2.25 -7.75
C LEU B 167 0.05 2.94 -6.93
N ILE B 168 0.42 2.34 -5.80
CA ILE B 168 1.52 2.90 -5.01
C ILE B 168 2.84 2.77 -5.79
N PHE B 169 3.07 1.59 -6.40
CA PHE B 169 4.22 1.40 -7.27
C PHE B 169 4.17 2.37 -8.46
N GLN B 170 2.96 2.55 -8.99
CA GLN B 170 2.71 3.57 -10.01
C GLN B 170 3.20 4.93 -9.53
N LEU B 171 2.73 5.35 -8.36
CA LEU B 171 3.18 6.61 -7.76
C LEU B 171 4.69 6.68 -7.56
N MET B 172 5.32 5.53 -7.34
CA MET B 172 6.77 5.46 -7.11
C MET B 172 7.58 5.87 -8.34
N GLU B 173 7.10 5.46 -9.53
CA GLU B 173 7.70 5.87 -10.80
C GLU B 173 7.57 7.37 -11.02
N TRP B 174 6.42 7.92 -10.63
CA TRP B 174 6.16 9.35 -10.73
C TRP B 174 7.14 10.18 -9.87
N GLU B 175 7.54 9.63 -8.73
CA GLU B 175 8.54 10.29 -7.88
C GLU B 175 9.89 10.30 -8.59
N VAL B 176 10.25 9.13 -9.12
CA VAL B 176 11.45 8.94 -9.94
C VAL B 176 11.45 9.94 -11.11
N ALA B 177 10.30 10.08 -11.76
CA ALA B 177 10.11 11.00 -12.88
C ALA B 177 10.31 12.47 -12.46
N LEU B 178 9.75 12.85 -11.32
CA LEU B 178 9.87 14.23 -10.83
C LEU B 178 11.31 14.61 -10.48
N ASN B 179 12.03 13.68 -9.86
CA ASN B 179 13.42 13.93 -9.44
C ASN B 179 14.41 14.06 -10.61
N ALA B 180 14.14 13.34 -11.71
CA ALA B 180 14.92 13.45 -12.95
C ALA B 180 14.71 14.81 -13.66
N LYS B 181 15.43 15.15 -14.60
MG MG C . -3.98 -15.70 20.23
MG MG D . 0.74 2.06 18.08
CG PTR E . -5.54 -6.97 10.27
CD1 PTR E . -5.20 -7.06 8.92
CD2 PTR E . -4.80 -7.72 11.19
CE1 PTR E . -4.16 -7.88 8.50
CE2 PTR E . -3.75 -8.54 10.76
CZ PTR E . -3.43 -8.61 9.42
OH PTR E . -2.51 -9.33 9.01
P PTR E . -1.07 -9.51 9.71
O1P PTR E . -0.41 -8.21 9.94
O2P PTR E . -0.17 -10.34 8.78
O3P PTR E . -1.26 -10.27 11.04
MG MG F . -23.06 4.45 -10.69
MG MG G . -13.99 25.90 -16.17
MG MG H . -18.42 20.19 -21.50
CG PTR I . -12.73 -1.34 -4.85
CD1 PTR I . -13.36 -0.39 -5.65
CD2 PTR I . -11.75 -0.89 -3.95
CE1 PTR I . -13.03 0.96 -5.59
CE2 PTR I . -11.41 0.46 -3.88
CZ PTR I . -12.03 1.38 -4.71
OH PTR I . -11.70 2.58 -4.60
P PTR I . -11.63 3.71 -5.75
O1P PTR I . -12.96 3.93 -6.37
O2P PTR I . -10.62 3.30 -6.85
O3P PTR I . -11.13 5.01 -5.11
#